data_1UA7
#
_entry.id   1UA7
#
_cell.length_a   70.320
_cell.length_b   74.204
_cell.length_c   115.724
_cell.angle_alpha   90.00
_cell.angle_beta   90.00
_cell.angle_gamma   90.00
#
_symmetry.space_group_name_H-M   'P 21 21 21'
#
loop_
_entity.id
_entity.type
_entity.pdbx_description
1 polymer Alpha-amylase
2 branched 4,6-dideoxy-alpha-D-xylo-hexopyranose-(1-4)-alpha-D-glucopyranose
3 branched alpha-D-quinovopyranose-(1-4)-beta-D-glucopyranose
4 non-polymer 6-AMINO-4-HYDROXYMETHYL-CYCLOHEX-4-ENE-1,2,3-TRIOL
5 non-polymer 'CALCIUM ION'
6 water water
#
_entity_poly.entity_id   1
_entity_poly.type   'polypeptide(L)'
_entity_poly.pdbx_seq_one_letter_code
;PSIKSGTILHAWNWSFNTLKHNMKDIHDAGYTAIQTSPINQVKEGNQGDKSMSNWYWLYQPTSYQIGNRYLGTEQEFKEM
CAAAEEYGIKVIVDAVINHTTFDYAAISNEVKSIPNWTHGNTQIKNWSDRWDVTQNSLLGLYDWNTQNTQVQSYLKRFLE
RALNDGADGFRFDAAKHIELPDDGSYGSQFWPNITNTSAEFQYGEILQDSASRDAAYANYMDVTASNYGHSIRSALKNRN
LGVSNISHYASDVSADKLVTWVESHDTYANDDEESTWMSDDDIRLGWAVIASRSGSTPLFFSRPEGGGNGVRFPGKSQIG
DRGSALFEDQAITAVNRFHNVMAGQPEELSNPQGNNQIFMNQRGSHGVVLANAGSSSVSINTATKLPDGRYDNKAGAGSF
QVNDGKLTGTINARSVAVLYPD
;
_entity_poly.pdbx_strand_id   A
#
# COMPACT_ATOMS: atom_id res chain seq x y z
N PRO A 1 0.89 9.74 -16.14
CA PRO A 1 1.86 10.02 -15.05
C PRO A 1 2.65 8.77 -14.69
N SER A 2 3.60 8.92 -13.78
CA SER A 2 4.41 7.79 -13.33
C SER A 2 3.64 7.05 -12.24
N ILE A 3 4.21 5.95 -11.75
CA ILE A 3 3.58 5.19 -10.70
C ILE A 3 3.65 6.01 -9.42
N LYS A 4 4.80 6.65 -9.21
CA LYS A 4 5.06 7.48 -8.04
C LYS A 4 4.10 8.65 -7.92
N SER A 5 3.56 9.10 -9.05
CA SER A 5 2.65 10.23 -9.09
C SER A 5 1.20 9.88 -8.82
N GLY A 6 0.84 8.62 -9.03
CA GLY A 6 -0.55 8.22 -8.81
C GLY A 6 -0.83 7.44 -7.55
N THR A 7 -1.97 6.73 -7.57
CA THR A 7 -2.39 5.93 -6.43
C THR A 7 -2.26 4.47 -6.80
N ILE A 8 -2.11 3.62 -5.79
CA ILE A 8 -1.95 2.20 -6.02
C ILE A 8 -3.07 1.41 -5.37
N LEU A 9 -3.61 0.46 -6.13
CA LEU A 9 -4.67 -0.40 -5.63
C LEU A 9 -4.04 -1.72 -5.18
N HIS A 10 -4.12 -2.01 -3.88
CA HIS A 10 -3.57 -3.26 -3.34
C HIS A 10 -4.59 -4.37 -3.58
N ALA A 11 -4.42 -5.11 -4.67
CA ALA A 11 -5.33 -6.20 -5.00
C ALA A 11 -5.06 -7.44 -4.16
N TRP A 12 -5.03 -7.24 -2.85
CA TRP A 12 -4.77 -8.32 -1.88
C TRP A 12 -5.58 -9.60 -2.12
N ASN A 13 -4.87 -10.68 -2.39
CA ASN A 13 -5.47 -12.00 -2.64
C ASN A 13 -6.26 -12.13 -3.95
N TRP A 14 -6.27 -11.08 -4.77
CA TRP A 14 -6.96 -11.13 -6.05
C TRP A 14 -6.15 -12.04 -6.97
N SER A 15 -6.77 -13.07 -7.54
CA SER A 15 -6.04 -13.97 -8.43
C SER A 15 -5.63 -13.21 -9.67
N PHE A 16 -4.72 -13.79 -10.45
CA PHE A 16 -4.29 -13.11 -11.67
C PHE A 16 -5.48 -12.95 -12.60
N ASN A 17 -6.28 -14.01 -12.71
CA ASN A 17 -7.46 -13.95 -13.58
C ASN A 17 -8.50 -12.94 -13.09
N THR A 18 -8.60 -12.77 -11.77
CA THR A 18 -9.57 -11.82 -11.23
C THR A 18 -9.13 -10.42 -11.62
N LEU A 19 -7.83 -10.15 -11.48
CA LEU A 19 -7.27 -8.86 -11.84
C LEU A 19 -7.52 -8.56 -13.32
N LYS A 20 -7.15 -9.50 -14.18
CA LYS A 20 -7.34 -9.32 -15.61
C LYS A 20 -8.76 -8.95 -16.00
N HIS A 21 -9.73 -9.57 -15.35
CA HIS A 21 -11.12 -9.30 -15.66
C HIS A 21 -11.66 -7.97 -15.13
N ASN A 22 -11.09 -7.47 -14.04
CA ASN A 22 -11.55 -6.20 -13.46
C ASN A 22 -10.63 -5.04 -13.83
N MET A 23 -9.76 -5.28 -14.80
CA MET A 23 -8.78 -4.28 -15.25
C MET A 23 -9.42 -2.98 -15.77
N LYS A 24 -10.47 -3.07 -16.57
CA LYS A 24 -11.10 -1.86 -17.08
C LYS A 24 -11.68 -1.06 -15.91
N ASP A 25 -12.29 -1.76 -14.96
CA ASP A 25 -12.86 -1.08 -13.79
C ASP A 25 -11.75 -0.45 -12.94
N ILE A 26 -10.63 -1.14 -12.81
CA ILE A 26 -9.51 -0.63 -12.01
C ILE A 26 -9.07 0.68 -12.65
N HIS A 27 -8.92 0.67 -13.96
CA HIS A 27 -8.52 1.86 -14.71
C HIS A 27 -9.50 3.01 -14.48
N ASP A 28 -10.78 2.76 -14.75
CA ASP A 28 -11.79 3.80 -14.58
C ASP A 28 -11.82 4.36 -13.16
N ALA A 29 -11.30 3.58 -12.20
CA ALA A 29 -11.28 3.98 -10.80
C ALA A 29 -10.18 5.00 -10.51
N GLY A 30 -9.35 5.28 -11.51
CA GLY A 30 -8.29 6.26 -11.33
C GLY A 30 -6.97 5.78 -10.74
N TYR A 31 -6.78 4.47 -10.66
CA TYR A 31 -5.54 3.92 -10.13
C TYR A 31 -4.49 3.86 -11.22
N THR A 32 -3.23 4.14 -10.87
CA THR A 32 -2.14 4.11 -11.83
C THR A 32 -1.43 2.76 -11.84
N ALA A 33 -1.48 2.06 -10.72
CA ALA A 33 -0.84 0.75 -10.61
C ALA A 33 -1.54 -0.12 -9.60
N ILE A 34 -1.41 -1.43 -9.78
CA ILE A 34 -2.00 -2.39 -8.86
C ILE A 34 -0.87 -3.18 -8.21
N GLN A 35 -1.07 -3.62 -6.98
CA GLN A 35 -0.07 -4.42 -6.31
C GLN A 35 -0.68 -5.78 -6.06
N THR A 36 0.00 -6.82 -6.55
CA THR A 36 -0.47 -8.18 -6.39
C THR A 36 0.13 -8.76 -5.12
N SER A 37 -0.41 -9.90 -4.69
CA SER A 37 0.12 -10.59 -3.52
C SER A 37 1.30 -11.41 -4.07
N PRO A 38 2.13 -12.01 -3.20
CA PRO A 38 3.27 -12.80 -3.68
C PRO A 38 2.90 -13.75 -4.84
N ILE A 39 3.68 -13.68 -5.92
CA ILE A 39 3.45 -14.49 -7.12
C ILE A 39 4.33 -15.74 -7.24
N ASN A 40 5.18 -16.00 -6.26
CA ASN A 40 6.05 -17.15 -6.32
C ASN A 40 5.38 -18.38 -5.71
N GLN A 41 6.08 -19.50 -5.80
CA GLN A 41 5.60 -20.76 -5.28
C GLN A 41 5.67 -20.71 -3.76
N VAL A 42 4.64 -21.17 -3.07
CA VAL A 42 4.65 -21.15 -1.61
C VAL A 42 4.15 -22.45 -0.98
N LYS A 43 4.30 -22.55 0.34
CA LYS A 43 3.82 -23.72 1.06
C LYS A 43 2.33 -23.50 1.22
N GLU A 44 1.54 -24.27 0.48
CA GLU A 44 0.10 -24.12 0.52
C GLU A 44 -0.47 -24.90 1.70
N GLY A 45 -0.22 -24.35 2.90
CA GLY A 45 -0.65 -24.98 4.14
C GLY A 45 -2.14 -25.24 4.30
N ASN A 46 -2.49 -25.89 5.40
CA ASN A 46 -3.87 -26.25 5.70
C ASN A 46 -4.56 -26.81 4.45
N GLN A 47 -3.84 -27.68 3.75
CA GLN A 47 -4.35 -28.32 2.55
C GLN A 47 -4.78 -27.34 1.46
N GLY A 48 -4.07 -26.22 1.35
CA GLY A 48 -4.36 -25.23 0.33
C GLY A 48 -5.76 -24.63 0.37
N ASP A 49 -6.45 -24.80 1.50
CA ASP A 49 -7.79 -24.25 1.67
C ASP A 49 -7.83 -22.76 1.35
N LYS A 50 -8.84 -22.33 0.60
CA LYS A 50 -8.96 -20.92 0.19
C LYS A 50 -9.67 -19.98 1.18
N SER A 51 -9.92 -20.43 2.40
CA SER A 51 -10.57 -19.55 3.38
C SER A 51 -9.70 -18.32 3.55
N MET A 52 -10.33 -17.15 3.60
CA MET A 52 -9.60 -15.90 3.72
C MET A 52 -8.64 -15.89 4.91
N SER A 53 -8.93 -16.70 5.93
CA SER A 53 -8.07 -16.75 7.12
C SER A 53 -6.71 -17.37 6.80
N ASN A 54 -6.61 -18.03 5.65
CA ASN A 54 -5.37 -18.67 5.23
C ASN A 54 -4.50 -17.76 4.35
N TRP A 55 -4.78 -16.46 4.41
CA TRP A 55 -4.07 -15.46 3.62
C TRP A 55 -2.56 -15.46 3.80
N TYR A 56 -2.09 -15.81 4.98
CA TYR A 56 -0.66 -15.78 5.29
C TYR A 56 0.27 -16.78 4.61
N TRP A 57 -0.28 -17.87 4.07
CA TRP A 57 0.57 -18.84 3.41
C TRP A 57 1.31 -18.26 2.21
N LEU A 58 0.73 -17.23 1.58
CA LEU A 58 1.36 -16.60 0.42
C LEU A 58 2.72 -15.98 0.77
N TYR A 59 2.99 -15.86 2.06
CA TYR A 59 4.25 -15.30 2.51
C TYR A 59 5.25 -16.35 2.98
N GLN A 60 5.09 -17.57 2.48
CA GLN A 60 5.98 -18.67 2.83
C GLN A 60 6.51 -19.37 1.58
N PRO A 61 7.50 -18.75 0.91
CA PRO A 61 8.10 -19.30 -0.31
C PRO A 61 8.69 -20.69 -0.15
N THR A 62 8.64 -21.48 -1.22
CA THR A 62 9.20 -22.82 -1.22
C THR A 62 10.15 -22.89 -2.41
N SER A 63 10.01 -21.92 -3.30
CA SER A 63 10.84 -21.81 -4.49
C SER A 63 10.52 -20.48 -5.14
N TYR A 64 11.34 -20.04 -6.07
CA TYR A 64 11.04 -18.79 -6.73
C TYR A 64 10.62 -18.95 -8.17
N GLN A 65 9.93 -20.06 -8.43
CA GLN A 65 9.36 -20.31 -9.73
C GLN A 65 8.09 -19.49 -9.59
N ILE A 66 7.55 -18.98 -10.69
CA ILE A 66 6.34 -18.17 -10.61
C ILE A 66 5.07 -19.01 -10.73
N GLY A 67 4.10 -18.71 -9.88
CA GLY A 67 2.83 -19.43 -9.90
C GLY A 67 2.48 -20.21 -8.65
N ASN A 68 1.23 -20.11 -8.22
CA ASN A 68 0.75 -20.85 -7.06
C ASN A 68 -0.76 -21.02 -7.13
N ARG A 69 -1.29 -21.93 -6.32
CA ARG A 69 -2.70 -22.27 -6.26
C ARG A 69 -3.63 -21.11 -5.87
N TYR A 70 -3.11 -20.15 -5.11
CA TYR A 70 -3.92 -19.02 -4.67
C TYR A 70 -4.16 -17.97 -5.76
N LEU A 71 -3.11 -17.61 -6.49
CA LEU A 71 -3.22 -16.58 -7.52
C LEU A 71 -3.25 -17.06 -8.98
N GLY A 72 -2.68 -18.23 -9.24
CA GLY A 72 -2.68 -18.73 -10.61
C GLY A 72 -1.30 -19.04 -11.16
N THR A 73 -1.25 -19.37 -12.45
CA THR A 73 -0.01 -19.73 -13.14
C THR A 73 0.81 -18.55 -13.68
N GLU A 74 2.07 -18.81 -14.00
CA GLU A 74 2.95 -17.78 -14.55
C GLU A 74 2.40 -17.22 -15.86
N GLN A 75 1.70 -18.07 -16.61
CA GLN A 75 1.10 -17.63 -17.86
C GLN A 75 -0.01 -16.62 -17.57
N GLU A 76 -0.84 -16.92 -16.57
CA GLU A 76 -1.93 -16.02 -16.21
C GLU A 76 -1.39 -14.71 -15.67
N PHE A 77 -0.22 -14.76 -15.05
CA PHE A 77 0.38 -13.54 -14.55
C PHE A 77 0.73 -12.66 -15.75
N LYS A 78 1.36 -13.27 -16.77
CA LYS A 78 1.74 -12.54 -17.98
C LYS A 78 0.52 -11.90 -18.64
N GLU A 79 -0.49 -12.71 -18.90
CA GLU A 79 -1.70 -12.22 -19.54
C GLU A 79 -2.27 -11.07 -18.72
N MET A 80 -2.21 -11.19 -17.39
CA MET A 80 -2.71 -10.16 -16.50
C MET A 80 -1.95 -8.83 -16.70
N CYS A 81 -0.63 -8.92 -16.82
CA CYS A 81 0.18 -7.72 -17.02
C CYS A 81 -0.10 -7.09 -18.38
N ALA A 82 -0.40 -7.94 -19.36
CA ALA A 82 -0.70 -7.47 -20.71
C ALA A 82 -2.04 -6.74 -20.73
N ALA A 83 -3.04 -7.32 -20.06
CA ALA A 83 -4.36 -6.70 -20.00
C ALA A 83 -4.25 -5.37 -19.27
N ALA A 84 -3.35 -5.31 -18.29
CA ALA A 84 -3.14 -4.09 -17.52
C ALA A 84 -2.60 -3.00 -18.42
N GLU A 85 -1.61 -3.35 -19.23
CA GLU A 85 -0.98 -2.40 -20.13
C GLU A 85 -1.96 -1.85 -21.17
N GLU A 86 -2.95 -2.65 -21.55
CA GLU A 86 -3.93 -2.19 -22.55
C GLU A 86 -4.64 -0.94 -22.05
N TYR A 87 -4.51 -0.70 -20.74
CA TYR A 87 -5.14 0.45 -20.09
C TYR A 87 -4.11 1.34 -19.42
N GLY A 88 -2.84 1.11 -19.74
CA GLY A 88 -1.78 1.92 -19.14
C GLY A 88 -1.59 1.68 -17.65
N ILE A 89 -2.02 0.52 -17.16
CA ILE A 89 -1.88 0.20 -15.74
C ILE A 89 -0.56 -0.53 -15.49
N LYS A 90 0.18 -0.07 -14.47
CA LYS A 90 1.45 -0.69 -14.12
C LYS A 90 1.20 -1.78 -13.08
N VAL A 91 2.09 -2.76 -13.03
CA VAL A 91 1.97 -3.86 -12.08
C VAL A 91 3.16 -3.94 -11.13
N ILE A 92 2.86 -3.90 -9.83
CA ILE A 92 3.90 -4.00 -8.80
C ILE A 92 3.78 -5.35 -8.10
N VAL A 93 4.88 -6.09 -8.06
CA VAL A 93 4.92 -7.42 -7.44
C VAL A 93 5.45 -7.42 -6.02
N ASP A 94 4.71 -8.07 -5.13
CA ASP A 94 5.09 -8.21 -3.72
C ASP A 94 6.21 -9.25 -3.71
N ALA A 95 7.45 -8.81 -3.49
CA ALA A 95 8.59 -9.72 -3.48
C ALA A 95 9.01 -10.13 -2.08
N VAL A 96 8.86 -11.41 -1.78
CA VAL A 96 9.22 -11.94 -0.47
C VAL A 96 10.59 -12.59 -0.61
N ILE A 97 11.65 -11.79 -0.53
CA ILE A 97 13.00 -12.32 -0.70
C ILE A 97 13.90 -12.31 0.53
N ASN A 98 13.34 -12.05 1.69
CA ASN A 98 14.13 -12.06 2.92
C ASN A 98 14.18 -13.46 3.51
N HIS A 99 13.12 -14.23 3.28
CA HIS A 99 13.01 -15.57 3.83
C HIS A 99 12.17 -16.53 2.99
N THR A 100 12.11 -17.77 3.47
CA THR A 100 11.33 -18.83 2.83
C THR A 100 10.39 -19.31 3.92
N THR A 101 9.64 -20.37 3.64
CA THR A 101 8.73 -20.92 4.63
C THR A 101 9.55 -21.38 5.83
N PHE A 102 8.86 -21.67 6.93
CA PHE A 102 9.51 -22.14 8.15
C PHE A 102 9.72 -23.64 8.05
N ASP A 103 8.83 -24.31 7.32
CA ASP A 103 8.89 -25.76 7.16
C ASP A 103 10.00 -26.16 6.19
N TYR A 104 11.16 -26.51 6.74
CA TYR A 104 12.32 -26.91 5.95
C TYR A 104 12.04 -28.04 4.96
N ALA A 105 11.13 -28.94 5.31
CA ALA A 105 10.80 -30.08 4.46
C ALA A 105 9.98 -29.68 3.24
N ALA A 106 9.35 -28.51 3.29
CA ALA A 106 8.54 -28.04 2.18
C ALA A 106 9.40 -27.29 1.17
N ILE A 107 10.52 -26.73 1.63
CA ILE A 107 11.41 -26.00 0.74
C ILE A 107 11.83 -26.88 -0.44
N SER A 108 11.91 -26.29 -1.63
CA SER A 108 12.25 -27.04 -2.83
C SER A 108 13.74 -27.35 -2.98
N ASN A 109 14.02 -28.45 -3.67
CA ASN A 109 15.39 -28.87 -3.90
C ASN A 109 16.11 -27.76 -4.65
N GLU A 110 15.36 -27.00 -5.43
CA GLU A 110 15.92 -25.90 -6.20
C GLU A 110 16.63 -24.95 -5.25
N VAL A 111 15.98 -24.60 -4.15
CA VAL A 111 16.61 -23.70 -3.19
C VAL A 111 17.76 -24.38 -2.47
N LYS A 112 17.51 -25.58 -1.96
CA LYS A 112 18.53 -26.33 -1.23
C LYS A 112 19.78 -26.61 -2.06
N SER A 113 19.69 -26.42 -3.37
CA SER A 113 20.83 -26.65 -4.24
C SER A 113 21.85 -25.53 -4.13
N ILE A 114 21.46 -24.45 -3.47
CA ILE A 114 22.35 -23.32 -3.29
C ILE A 114 23.21 -23.52 -2.05
N PRO A 115 24.52 -23.71 -2.22
CA PRO A 115 25.44 -23.91 -1.10
C PRO A 115 25.37 -22.81 -0.03
N ASN A 116 25.08 -23.20 1.21
CA ASN A 116 25.00 -22.25 2.32
C ASN A 116 24.02 -21.10 2.00
N TRP A 117 22.77 -21.45 1.75
CA TRP A 117 21.75 -20.47 1.39
C TRP A 117 20.96 -19.84 2.54
N THR A 118 21.17 -20.30 3.76
CA THR A 118 20.39 -19.73 4.87
C THR A 118 21.12 -19.40 6.17
N HIS A 119 20.63 -18.35 6.83
CA HIS A 119 21.16 -17.88 8.11
C HIS A 119 20.59 -18.75 9.22
N GLY A 120 19.65 -19.61 8.86
CA GLY A 120 19.01 -20.48 9.84
C GLY A 120 17.61 -20.00 10.16
N ASN A 121 17.01 -20.58 11.19
CA ASN A 121 15.66 -20.24 11.63
C ASN A 121 15.58 -19.80 13.09
N THR A 122 16.68 -19.26 13.63
CA THR A 122 16.71 -18.79 15.01
C THR A 122 15.93 -17.49 15.08
N GLN A 123 14.76 -17.53 15.70
CA GLN A 123 13.90 -16.35 15.78
C GLN A 123 14.49 -15.13 16.47
N ILE A 124 14.29 -13.98 15.83
CA ILE A 124 14.77 -12.70 16.35
C ILE A 124 14.32 -12.52 17.79
N LYS A 125 15.17 -11.88 18.60
CA LYS A 125 14.86 -11.64 19.99
C LYS A 125 14.93 -10.15 20.37
N ASN A 126 15.99 -9.48 19.93
CA ASN A 126 16.18 -8.06 20.22
C ASN A 126 15.89 -7.17 19.01
N TRP A 127 14.69 -6.62 18.94
CA TRP A 127 14.32 -5.76 17.82
C TRP A 127 15.00 -4.40 17.85
N SER A 128 16.05 -4.29 18.64
CA SER A 128 16.80 -3.04 18.75
C SER A 128 18.23 -3.29 18.27
N ASP A 129 18.48 -4.54 17.88
CA ASP A 129 19.80 -4.95 17.41
C ASP A 129 19.74 -5.20 15.89
N ARG A 130 20.25 -4.26 15.10
CA ARG A 130 20.24 -4.42 13.65
C ARG A 130 20.85 -5.74 13.22
N TRP A 131 21.75 -6.28 14.05
CA TRP A 131 22.36 -7.57 13.72
C TRP A 131 21.34 -8.70 13.83
N ASP A 132 20.62 -8.74 14.94
CA ASP A 132 19.64 -9.79 15.18
C ASP A 132 18.44 -9.62 14.25
N VAL A 133 18.06 -8.38 13.98
CA VAL A 133 16.91 -8.12 13.12
C VAL A 133 17.18 -8.55 11.68
N THR A 134 18.40 -8.30 11.20
CA THR A 134 18.74 -8.65 9.82
C THR A 134 19.35 -10.02 9.61
N GLN A 135 20.15 -10.50 10.56
CA GLN A 135 20.81 -11.80 10.43
C GLN A 135 20.06 -13.03 10.95
N ASN A 136 19.04 -12.82 11.77
CA ASN A 136 18.29 -13.96 12.27
C ASN A 136 16.92 -14.08 11.63
N SER A 137 16.12 -15.02 12.10
CA SER A 137 14.80 -15.29 11.53
C SER A 137 13.60 -14.53 12.07
N LEU A 138 12.68 -14.25 11.15
CA LEU A 138 11.44 -13.56 11.46
C LEU A 138 10.37 -14.66 11.59
N LEU A 139 9.81 -14.79 12.78
CA LEU A 139 8.76 -15.79 13.02
C LEU A 139 9.16 -17.23 12.73
N GLY A 140 10.47 -17.49 12.64
CA GLY A 140 10.92 -18.84 12.36
C GLY A 140 11.10 -19.17 10.89
N LEU A 141 10.79 -18.20 10.03
CA LEU A 141 10.93 -18.36 8.57
C LEU A 141 12.42 -18.38 8.22
N TYR A 142 12.87 -19.45 7.55
CA TYR A 142 14.28 -19.52 7.22
C TYR A 142 14.78 -18.25 6.54
N ASP A 143 15.77 -17.63 7.16
CA ASP A 143 16.33 -16.38 6.65
C ASP A 143 17.35 -16.59 5.53
N TRP A 144 17.10 -15.97 4.38
CA TRP A 144 18.02 -16.09 3.25
C TRP A 144 19.38 -15.54 3.65
N ASN A 145 20.44 -16.18 3.15
CA ASN A 145 21.80 -15.73 3.43
C ASN A 145 22.14 -14.72 2.34
N THR A 146 21.60 -13.52 2.48
CA THR A 146 21.79 -12.46 1.49
C THR A 146 23.22 -11.96 1.24
N GLN A 147 24.17 -12.35 2.08
CA GLN A 147 25.56 -11.95 1.87
C GLN A 147 26.20 -12.88 0.83
N ASN A 148 25.52 -13.99 0.57
CA ASN A 148 25.99 -14.99 -0.38
C ASN A 148 25.65 -14.47 -1.79
N THR A 149 26.68 -14.05 -2.53
CA THR A 149 26.47 -13.54 -3.88
C THR A 149 25.66 -14.47 -4.77
N GLN A 150 25.62 -15.75 -4.43
CA GLN A 150 24.87 -16.70 -5.22
C GLN A 150 23.38 -16.59 -4.94
N VAL A 151 23.00 -16.34 -3.69
CA VAL A 151 21.58 -16.21 -3.38
C VAL A 151 21.10 -14.92 -4.06
N GLN A 152 21.94 -13.90 -4.06
CA GLN A 152 21.60 -12.62 -4.68
C GLN A 152 21.19 -12.79 -6.12
N SER A 153 22.00 -13.51 -6.88
CA SER A 153 21.70 -13.73 -8.28
C SER A 153 20.43 -14.57 -8.44
N TYR A 154 20.24 -15.54 -7.55
CA TYR A 154 19.06 -16.39 -7.64
C TYR A 154 17.80 -15.55 -7.44
N LEU A 155 17.79 -14.76 -6.38
CA LEU A 155 16.65 -13.90 -6.07
C LEU A 155 16.50 -12.80 -7.13
N LYS A 156 17.59 -12.14 -7.50
CA LYS A 156 17.50 -11.09 -8.50
C LYS A 156 17.00 -11.65 -9.83
N ARG A 157 17.35 -12.91 -10.12
CA ARG A 157 16.90 -13.55 -11.37
C ARG A 157 15.39 -13.64 -11.33
N PHE A 158 14.85 -13.91 -10.14
CA PHE A 158 13.41 -13.99 -9.96
C PHE A 158 12.78 -12.62 -10.32
N LEU A 159 13.35 -11.57 -9.76
CA LEU A 159 12.86 -10.22 -10.01
C LEU A 159 12.93 -9.93 -11.50
N GLU A 160 14.08 -10.21 -12.11
CA GLU A 160 14.25 -9.96 -13.54
C GLU A 160 13.21 -10.72 -14.37
N ARG A 161 12.85 -11.91 -13.91
CA ARG A 161 11.85 -12.73 -14.60
C ARG A 161 10.50 -12.03 -14.53
N ALA A 162 10.13 -11.58 -13.34
CA ALA A 162 8.87 -10.87 -13.15
C ALA A 162 8.81 -9.68 -14.12
N LEU A 163 9.90 -8.91 -14.22
CA LEU A 163 9.95 -7.76 -15.12
C LEU A 163 9.74 -8.22 -16.56
N ASN A 164 10.29 -9.37 -16.91
CA ASN A 164 10.12 -9.88 -18.26
C ASN A 164 8.69 -10.37 -18.49
N ASP A 165 8.01 -10.77 -17.42
CA ASP A 165 6.64 -11.24 -17.58
C ASP A 165 5.64 -10.10 -17.63
N GLY A 166 6.12 -8.88 -17.47
CA GLY A 166 5.23 -7.74 -17.52
C GLY A 166 5.18 -6.90 -16.26
N ALA A 167 5.86 -7.33 -15.20
CA ALA A 167 5.87 -6.57 -13.96
C ALA A 167 6.57 -5.25 -14.21
N ASP A 168 6.20 -4.23 -13.44
CA ASP A 168 6.79 -2.91 -13.60
C ASP A 168 7.42 -2.37 -12.32
N GLY A 169 7.15 -3.02 -11.20
CA GLY A 169 7.70 -2.55 -9.94
C GLY A 169 7.63 -3.58 -8.84
N PHE A 170 8.23 -3.25 -7.69
CA PHE A 170 8.24 -4.19 -6.58
C PHE A 170 7.91 -3.59 -5.23
N ARG A 171 7.44 -4.45 -4.34
CA ARG A 171 7.12 -4.10 -2.97
C ARG A 171 7.96 -5.13 -2.25
N PHE A 172 9.05 -4.70 -1.61
CA PHE A 172 9.93 -5.63 -0.91
C PHE A 172 9.51 -5.99 0.50
N ASP A 173 8.86 -7.14 0.63
CA ASP A 173 8.40 -7.66 1.90
C ASP A 173 9.53 -7.73 2.91
N ALA A 174 9.22 -7.37 4.15
CA ALA A 174 10.19 -7.42 5.24
C ALA A 174 11.55 -6.88 4.84
N ALA A 175 11.56 -5.80 4.08
CA ALA A 175 12.80 -5.18 3.61
C ALA A 175 13.71 -4.77 4.76
N LYS A 176 13.11 -4.50 5.93
CA LYS A 176 13.88 -4.09 7.09
C LYS A 176 14.76 -5.22 7.64
N HIS A 177 14.49 -6.45 7.20
CA HIS A 177 15.25 -7.60 7.68
C HIS A 177 16.39 -8.05 6.79
N ILE A 178 16.80 -7.18 5.87
CA ILE A 178 17.92 -7.48 5.00
C ILE A 178 18.91 -6.34 5.19
N GLU A 179 20.12 -6.69 5.62
CA GLU A 179 21.14 -5.70 5.89
C GLU A 179 21.46 -4.76 4.74
N LEU A 180 21.98 -3.60 5.11
CA LEU A 180 22.38 -2.55 4.18
C LEU A 180 23.91 -2.60 4.14
N PRO A 181 24.53 -1.92 3.16
CA PRO A 181 26.00 -1.91 3.06
C PRO A 181 26.73 -1.45 4.32
N ASP A 182 26.12 -0.53 5.06
CA ASP A 182 26.75 0.03 6.26
C ASP A 182 26.30 -0.53 7.61
N ASP A 183 25.60 -1.67 7.61
CA ASP A 183 25.17 -2.25 8.88
C ASP A 183 26.32 -3.02 9.50
N GLY A 184 27.26 -2.30 10.08
CA GLY A 184 28.39 -2.97 10.71
C GLY A 184 29.21 -3.82 9.75
N SER A 185 29.79 -4.88 10.30
CA SER A 185 30.63 -5.79 9.52
C SER A 185 29.88 -6.93 8.85
N TYR A 186 28.55 -6.94 8.97
CA TYR A 186 27.76 -7.99 8.35
C TYR A 186 26.91 -7.42 7.21
N GLY A 187 27.29 -6.23 6.74
CA GLY A 187 26.55 -5.60 5.67
C GLY A 187 26.84 -6.26 4.33
N SER A 188 26.02 -5.96 3.33
CA SER A 188 26.20 -6.54 2.01
C SER A 188 25.73 -5.58 0.93
N GLN A 189 25.93 -5.99 -0.31
CA GLN A 189 25.51 -5.19 -1.46
C GLN A 189 24.19 -5.74 -1.97
N PHE A 190 23.47 -6.44 -1.11
CA PHE A 190 22.20 -7.01 -1.52
C PHE A 190 21.29 -5.95 -2.15
N TRP A 191 20.95 -4.92 -1.38
CA TRP A 191 20.07 -3.87 -1.87
C TRP A 191 20.58 -3.10 -3.08
N PRO A 192 21.86 -2.70 -3.08
CA PRO A 192 22.38 -1.97 -4.25
C PRO A 192 22.24 -2.82 -5.51
N ASN A 193 22.52 -4.11 -5.35
CA ASN A 193 22.46 -5.06 -6.47
C ASN A 193 21.03 -5.38 -6.95
N ILE A 194 20.18 -5.88 -6.05
CA ILE A 194 18.83 -6.26 -6.49
C ILE A 194 17.92 -5.10 -6.92
N THR A 195 18.21 -3.88 -6.47
CA THR A 195 17.38 -2.75 -6.88
C THR A 195 17.83 -2.23 -8.24
N ASN A 196 18.89 -2.83 -8.78
CA ASN A 196 19.39 -2.42 -10.08
C ASN A 196 18.75 -3.23 -11.20
N THR A 197 17.46 -2.99 -11.43
CA THR A 197 16.71 -3.69 -12.48
C THR A 197 16.06 -2.61 -13.35
N SER A 198 15.18 -3.03 -14.25
CA SER A 198 14.49 -2.07 -15.11
C SER A 198 13.18 -1.64 -14.45
N ALA A 199 12.97 -2.02 -13.19
CA ALA A 199 11.76 -1.65 -12.45
C ALA A 199 11.57 -0.14 -12.43
N GLU A 200 10.34 0.31 -12.69
CA GLU A 200 10.03 1.74 -12.69
C GLU A 200 9.86 2.27 -11.26
N PHE A 201 9.25 1.46 -10.42
CA PHE A 201 9.00 1.88 -9.05
C PHE A 201 9.19 0.74 -8.07
N GLN A 202 9.85 1.03 -6.96
CA GLN A 202 10.06 0.01 -5.94
C GLN A 202 10.14 0.59 -4.54
N TYR A 203 9.43 -0.03 -3.61
CA TYR A 203 9.46 0.44 -2.24
C TYR A 203 9.60 -0.76 -1.34
N GLY A 204 10.03 -0.53 -0.12
CA GLY A 204 10.22 -1.62 0.82
C GLY A 204 9.38 -1.45 2.05
N GLU A 205 8.81 -2.55 2.53
CA GLU A 205 8.00 -2.51 3.74
C GLU A 205 8.96 -2.38 4.91
N ILE A 206 9.06 -1.17 5.45
CA ILE A 206 9.93 -0.92 6.59
C ILE A 206 9.08 -0.33 7.69
N LEU A 207 8.53 -1.19 8.54
CA LEU A 207 7.69 -0.72 9.64
C LEU A 207 8.63 -0.03 10.62
N GLN A 208 8.25 1.19 11.00
CA GLN A 208 9.04 2.04 11.86
C GLN A 208 9.21 1.71 13.35
N ASP A 209 10.45 1.87 13.82
CA ASP A 209 10.82 1.69 15.21
C ASP A 209 12.21 2.32 15.39
N SER A 210 12.68 2.34 16.63
CA SER A 210 13.98 2.93 16.95
C SER A 210 15.15 2.47 16.09
N ALA A 211 15.00 1.34 15.42
CA ALA A 211 16.11 0.83 14.62
C ALA A 211 15.78 0.52 13.16
N SER A 212 14.65 1.01 12.67
CA SER A 212 14.25 0.72 11.29
C SER A 212 15.08 1.42 10.21
N ARG A 213 15.87 2.41 10.58
CA ARG A 213 16.73 3.11 9.62
C ARG A 213 15.93 3.58 8.39
N ASP A 214 14.80 4.22 8.62
CA ASP A 214 13.95 4.68 7.53
C ASP A 214 14.70 5.46 6.46
N ALA A 215 15.40 6.51 6.88
CA ALA A 215 16.15 7.34 5.94
C ALA A 215 17.19 6.54 5.17
N ALA A 216 17.79 5.57 5.85
CA ALA A 216 18.83 4.74 5.24
C ALA A 216 18.30 3.97 4.03
N TYR A 217 17.17 3.29 4.22
CA TYR A 217 16.55 2.52 3.14
C TYR A 217 16.05 3.39 1.99
N ALA A 218 15.57 4.58 2.32
CA ALA A 218 15.05 5.52 1.32
C ALA A 218 16.05 5.86 0.22
N ASN A 219 17.34 5.63 0.48
CA ASN A 219 18.37 5.91 -0.51
C ASN A 219 18.33 4.90 -1.66
N TYR A 220 17.72 3.75 -1.39
CA TYR A 220 17.63 2.68 -2.38
C TYR A 220 16.20 2.39 -2.84
N MET A 221 15.22 2.91 -2.13
CA MET A 221 13.82 2.65 -2.46
C MET A 221 12.90 3.56 -1.66
N ASP A 222 11.62 3.55 -2.00
CA ASP A 222 10.65 4.33 -1.26
C ASP A 222 10.33 3.50 -0.02
N VAL A 223 9.76 4.13 1.01
CA VAL A 223 9.46 3.41 2.22
C VAL A 223 8.04 3.65 2.71
N THR A 224 7.58 2.74 3.57
CA THR A 224 6.24 2.79 4.15
C THR A 224 6.18 3.74 5.34
N ALA A 225 5.14 4.55 5.40
CA ALA A 225 4.95 5.50 6.50
C ALA A 225 4.00 4.86 7.50
N SER A 226 4.47 3.78 8.14
CA SER A 226 3.66 3.04 9.10
C SER A 226 3.12 3.92 10.24
N ASN A 227 3.96 4.79 10.79
CA ASN A 227 3.52 5.66 11.86
C ASN A 227 2.34 6.51 11.40
N TYR A 228 2.51 7.16 10.24
CA TYR A 228 1.46 8.02 9.71
C TYR A 228 0.14 7.25 9.62
N GLY A 229 0.24 5.96 9.30
CA GLY A 229 -0.96 5.15 9.20
C GLY A 229 -1.67 5.10 10.54
N HIS A 230 -0.91 5.00 11.62
CA HIS A 230 -1.52 4.97 12.94
C HIS A 230 -2.06 6.35 13.31
N SER A 231 -1.39 7.39 12.83
CA SER A 231 -1.83 8.75 13.11
C SER A 231 -3.21 8.97 12.49
N ILE A 232 -3.37 8.50 11.26
CA ILE A 232 -4.65 8.64 10.56
C ILE A 232 -5.74 7.84 11.27
N ARG A 233 -5.44 6.58 11.54
CA ARG A 233 -6.37 5.69 12.21
C ARG A 233 -6.90 6.28 13.51
N SER A 234 -5.99 6.76 14.35
CA SER A 234 -6.38 7.38 15.63
C SER A 234 -7.35 8.53 15.34
N ALA A 235 -7.02 9.32 14.33
CA ALA A 235 -7.84 10.45 13.93
C ALA A 235 -9.24 9.97 13.57
N LEU A 236 -9.29 8.92 12.75
CA LEU A 236 -10.57 8.36 12.33
C LEU A 236 -11.34 7.84 13.53
N LYS A 237 -10.65 7.13 14.42
CA LYS A 237 -11.26 6.56 15.62
C LYS A 237 -11.94 7.63 16.46
N ASN A 238 -11.21 8.71 16.75
CA ASN A 238 -11.74 9.81 17.56
C ASN A 238 -12.54 10.86 16.77
N ARG A 239 -12.72 10.63 15.47
CA ARG A 239 -13.47 11.56 14.62
C ARG A 239 -12.89 12.97 14.78
N ASN A 240 -11.57 13.04 14.91
CA ASN A 240 -10.87 14.31 15.08
C ASN A 240 -9.80 14.40 14.00
N LEU A 241 -10.07 15.14 12.93
CA LEU A 241 -9.10 15.29 11.85
C LEU A 241 -8.26 16.57 11.96
N GLY A 242 -7.96 16.97 13.19
CA GLY A 242 -7.14 18.15 13.42
C GLY A 242 -5.81 17.99 12.73
N VAL A 243 -5.46 18.96 11.90
CA VAL A 243 -4.23 18.92 11.12
C VAL A 243 -2.91 18.95 11.90
N SER A 244 -2.98 19.17 13.21
CA SER A 244 -1.75 19.20 13.99
C SER A 244 -1.30 17.78 14.27
N ASN A 245 -2.17 16.82 14.04
CA ASN A 245 -1.83 15.42 14.28
C ASN A 245 -1.75 14.56 13.01
N ILE A 246 -2.30 15.06 11.90
CA ILE A 246 -2.28 14.30 10.65
C ILE A 246 -1.61 14.97 9.46
N SER A 247 -0.76 15.96 9.70
CA SER A 247 -0.06 16.62 8.61
C SER A 247 1.40 16.19 8.60
N HIS A 248 1.95 15.89 9.76
CA HIS A 248 3.35 15.45 9.81
C HIS A 248 3.35 13.94 9.58
N TYR A 249 4.32 13.47 8.80
CA TYR A 249 4.45 12.05 8.47
C TYR A 249 5.11 11.17 9.53
N ALA A 250 5.52 11.78 10.64
CA ALA A 250 6.17 11.02 11.70
C ALA A 250 7.26 10.13 11.10
N SER A 251 8.10 10.73 10.27
CA SER A 251 9.18 10.00 9.64
C SER A 251 10.27 10.97 9.19
N ASP A 252 11.50 10.50 9.12
CA ASP A 252 12.61 11.34 8.70
C ASP A 252 12.65 11.39 7.18
N VAL A 253 11.93 10.49 6.55
CA VAL A 253 11.88 10.44 5.09
C VAL A 253 10.82 11.43 4.61
N SER A 254 11.10 12.13 3.52
CA SER A 254 10.13 13.10 3.01
C SER A 254 9.11 12.47 2.07
N ALA A 255 7.93 13.09 1.99
CA ALA A 255 6.82 12.61 1.17
C ALA A 255 7.20 11.99 -0.17
N ASP A 256 8.06 12.68 -0.91
CA ASP A 256 8.50 12.22 -2.23
C ASP A 256 9.12 10.82 -2.28
N LYS A 257 9.36 10.22 -1.12
CA LYS A 257 9.94 8.88 -1.06
C LYS A 257 9.09 8.04 -0.11
N LEU A 258 7.87 8.49 0.12
CA LEU A 258 6.97 7.82 1.04
C LEU A 258 5.78 7.17 0.35
N VAL A 259 5.41 6.00 0.84
CA VAL A 259 4.23 5.28 0.34
C VAL A 259 3.33 5.29 1.57
N THR A 260 2.10 5.76 1.42
CA THR A 260 1.20 5.85 2.55
C THR A 260 -0.04 4.98 2.46
N TRP A 261 -0.74 4.84 3.59
CA TRP A 261 -1.96 4.05 3.64
C TRP A 261 -2.81 4.45 4.86
N VAL A 262 -4.07 4.03 4.85
CA VAL A 262 -4.96 4.30 5.98
C VAL A 262 -4.77 3.08 6.88
N GLU A 263 -4.65 1.91 6.24
CA GLU A 263 -4.45 0.64 6.92
C GLU A 263 -3.69 -0.24 5.93
N SER A 264 -3.07 -1.31 6.44
CA SER A 264 -2.32 -2.23 5.57
C SER A 264 -2.99 -3.59 5.67
N HIS A 265 -2.55 -4.55 4.86
CA HIS A 265 -3.14 -5.87 4.95
C HIS A 265 -2.79 -6.43 6.33
N ASP A 266 -1.61 -6.10 6.86
CA ASP A 266 -1.22 -6.60 8.17
C ASP A 266 -2.08 -6.08 9.31
N THR A 267 -2.29 -4.76 9.37
CA THR A 267 -3.11 -4.23 10.45
C THR A 267 -4.55 -4.73 10.38
N TYR A 268 -4.95 -5.23 9.21
CA TYR A 268 -6.30 -5.74 9.02
C TYR A 268 -6.53 -7.24 9.18
N ALA A 269 -5.65 -8.06 8.60
CA ALA A 269 -5.84 -9.52 8.61
C ALA A 269 -5.17 -10.34 9.71
N ASN A 270 -4.27 -9.73 10.47
CA ASN A 270 -3.59 -10.44 11.56
C ASN A 270 -4.52 -10.57 12.78
N ASP A 271 -4.24 -11.56 13.63
CA ASP A 271 -5.07 -11.78 14.79
C ASP A 271 -5.21 -10.57 15.71
N ASP A 272 -4.28 -9.62 15.60
CA ASP A 272 -4.34 -8.40 16.40
C ASP A 272 -5.53 -7.54 16.01
N GLU A 273 -5.94 -7.64 14.76
CA GLU A 273 -7.06 -6.87 14.22
C GLU A 273 -6.93 -5.43 14.67
N GLU A 274 -5.79 -4.79 14.39
CA GLU A 274 -5.65 -3.43 14.87
C GLU A 274 -6.41 -2.38 14.05
N SER A 275 -6.65 -2.66 12.78
CA SER A 275 -7.37 -1.70 11.94
C SER A 275 -8.70 -2.26 11.43
N THR A 276 -8.98 -3.52 11.78
CA THR A 276 -10.18 -4.22 11.35
C THR A 276 -11.48 -3.51 11.74
N TRP A 277 -11.42 -2.72 12.81
CA TRP A 277 -12.58 -2.00 13.30
C TRP A 277 -13.25 -1.01 12.34
N MET A 278 -12.46 -0.35 11.51
CA MET A 278 -13.00 0.65 10.59
C MET A 278 -14.14 0.17 9.68
N SER A 279 -14.98 1.13 9.28
CA SER A 279 -16.10 0.88 8.40
C SER A 279 -15.68 1.45 7.05
N ASP A 280 -16.57 1.38 6.06
CA ASP A 280 -16.25 1.93 4.74
C ASP A 280 -16.17 3.46 4.80
N ASP A 281 -17.02 4.09 5.61
CA ASP A 281 -16.99 5.55 5.72
C ASP A 281 -15.66 5.99 6.32
N ASP A 282 -15.19 5.25 7.31
CA ASP A 282 -13.91 5.57 7.94
C ASP A 282 -12.80 5.52 6.89
N ILE A 283 -12.97 4.64 5.92
CA ILE A 283 -11.98 4.49 4.87
C ILE A 283 -12.13 5.61 3.84
N ARG A 284 -13.36 5.93 3.46
CA ARG A 284 -13.59 7.00 2.48
C ARG A 284 -12.93 8.27 3.02
N LEU A 285 -13.15 8.53 4.31
CA LEU A 285 -12.59 9.70 4.99
C LEU A 285 -11.06 9.69 5.07
N GLY A 286 -10.51 8.57 5.55
CA GLY A 286 -9.06 8.45 5.66
C GLY A 286 -8.38 8.58 4.32
N TRP A 287 -8.96 7.96 3.30
CA TRP A 287 -8.40 8.00 1.95
C TRP A 287 -8.45 9.42 1.40
N ALA A 288 -9.47 10.18 1.77
CA ALA A 288 -9.59 11.56 1.29
C ALA A 288 -8.40 12.35 1.83
N VAL A 289 -8.05 12.09 3.08
CA VAL A 289 -6.94 12.78 3.71
C VAL A 289 -5.58 12.46 3.07
N ILE A 290 -5.18 11.20 3.08
CA ILE A 290 -3.88 10.83 2.54
C ILE A 290 -3.72 10.94 1.03
N ALA A 291 -4.78 10.65 0.29
CA ALA A 291 -4.70 10.71 -1.17
C ALA A 291 -4.83 12.13 -1.74
N SER A 292 -5.10 13.10 -0.87
CA SER A 292 -5.22 14.49 -1.31
C SER A 292 -3.85 15.14 -1.19
N ARG A 293 -2.99 14.47 -0.45
CA ARG A 293 -1.64 14.95 -0.19
C ARG A 293 -0.72 14.99 -1.41
N SER A 294 0.24 15.89 -1.36
CA SER A 294 1.22 16.06 -2.42
C SER A 294 2.42 15.16 -2.09
N GLY A 295 3.18 14.76 -3.11
CA GLY A 295 4.36 13.94 -2.89
C GLY A 295 4.20 12.45 -2.58
N SER A 296 3.62 12.12 -1.44
CA SER A 296 3.44 10.73 -1.02
C SER A 296 2.62 9.90 -2.01
N THR A 297 2.78 8.58 -1.92
CA THR A 297 2.07 7.65 -2.81
C THR A 297 1.14 6.78 -1.96
N PRO A 298 -0.19 7.02 -2.08
CA PRO A 298 -1.23 6.30 -1.33
C PRO A 298 -1.53 4.89 -1.85
N LEU A 299 -1.67 3.95 -0.91
CA LEU A 299 -1.97 2.55 -1.22
C LEU A 299 -3.34 2.17 -0.66
N PHE A 300 -4.31 1.96 -1.54
CA PHE A 300 -5.65 1.60 -1.12
C PHE A 300 -5.75 0.09 -0.87
N PHE A 301 -6.08 -0.28 0.37
CA PHE A 301 -6.22 -1.68 0.74
C PHE A 301 -7.61 -2.24 0.41
N SER A 302 -7.66 -3.18 -0.51
CA SER A 302 -8.94 -3.80 -0.88
C SER A 302 -9.28 -4.88 0.16
N ARG A 303 -10.34 -4.63 0.91
CA ARG A 303 -10.78 -5.56 1.96
C ARG A 303 -11.61 -6.69 1.38
N PRO A 304 -11.71 -7.80 2.12
CA PRO A 304 -12.49 -8.95 1.65
C PRO A 304 -13.95 -8.53 1.55
N GLU A 305 -14.68 -9.11 0.60
CA GLU A 305 -16.10 -8.83 0.42
C GLU A 305 -16.82 -8.98 1.77
N GLY A 306 -17.53 -7.93 2.19
CA GLY A 306 -18.25 -7.99 3.46
C GLY A 306 -17.41 -7.79 4.71
N GLY A 307 -16.11 -7.54 4.53
CA GLY A 307 -15.23 -7.34 5.67
C GLY A 307 -15.27 -5.94 6.28
N GLY A 308 -15.06 -5.86 7.59
CA GLY A 308 -15.06 -4.57 8.25
C GLY A 308 -15.83 -4.55 9.56
N ASN A 309 -15.92 -3.38 10.16
CA ASN A 309 -16.62 -3.22 11.42
C ASN A 309 -16.23 -4.32 12.40
N GLY A 310 -14.92 -4.60 12.47
CA GLY A 310 -14.40 -5.60 13.38
C GLY A 310 -14.32 -7.05 12.89
N VAL A 311 -15.00 -7.34 11.80
CA VAL A 311 -15.03 -8.70 11.26
C VAL A 311 -14.04 -8.87 10.11
N ARG A 312 -12.98 -9.63 10.34
CA ARG A 312 -11.97 -9.87 9.31
C ARG A 312 -12.46 -10.71 8.14
N PHE A 313 -12.90 -11.92 8.47
CA PHE A 313 -13.34 -12.89 7.47
C PHE A 313 -14.77 -13.37 7.72
N PRO A 314 -15.76 -12.77 7.03
CA PRO A 314 -17.17 -13.10 7.15
C PRO A 314 -17.58 -14.31 6.31
N GLY A 315 -16.64 -14.80 5.50
CA GLY A 315 -16.92 -15.95 4.66
C GLY A 315 -17.76 -15.74 3.40
N LYS A 316 -17.78 -14.53 2.86
CA LYS A 316 -18.57 -14.28 1.66
C LYS A 316 -17.72 -14.31 0.40
N SER A 317 -16.52 -14.85 0.51
CA SER A 317 -15.58 -14.97 -0.60
C SER A 317 -14.34 -15.68 -0.09
N GLN A 318 -13.47 -16.05 -1.02
CA GLN A 318 -12.24 -16.75 -0.66
C GLN A 318 -11.04 -16.16 -1.39
N ILE A 319 -9.86 -16.63 -1.01
CA ILE A 319 -8.62 -16.17 -1.62
C ILE A 319 -8.72 -16.37 -3.12
N GLY A 320 -8.45 -15.31 -3.88
CA GLY A 320 -8.54 -15.41 -5.32
C GLY A 320 -9.63 -14.51 -5.87
N ASP A 321 -10.77 -14.49 -5.18
CA ASP A 321 -11.90 -13.65 -5.58
C ASP A 321 -11.59 -12.17 -5.37
N ARG A 322 -12.35 -11.32 -6.04
CA ARG A 322 -12.16 -9.88 -5.93
C ARG A 322 -12.56 -9.43 -4.53
N GLY A 323 -11.99 -8.31 -4.09
CA GLY A 323 -12.33 -7.78 -2.78
C GLY A 323 -13.65 -7.03 -2.87
N SER A 324 -13.95 -6.20 -1.87
CA SER A 324 -15.21 -5.46 -1.89
C SER A 324 -15.14 -4.43 -3.00
N ALA A 325 -16.28 -3.84 -3.34
CA ALA A 325 -16.33 -2.85 -4.41
C ALA A 325 -15.95 -1.44 -3.98
N LEU A 326 -15.43 -1.30 -2.76
CA LEU A 326 -15.03 0.01 -2.25
C LEU A 326 -13.90 0.64 -3.08
N PHE A 327 -13.02 -0.19 -3.64
CA PHE A 327 -11.92 0.33 -4.44
C PHE A 327 -12.43 1.21 -5.58
N GLU A 328 -13.67 0.98 -6.02
CA GLU A 328 -14.23 1.80 -7.10
C GLU A 328 -15.42 2.63 -6.65
N ASP A 329 -15.45 2.94 -5.35
CA ASP A 329 -16.50 3.75 -4.75
C ASP A 329 -16.40 5.16 -5.33
N GLN A 330 -17.55 5.81 -5.51
CA GLN A 330 -17.55 7.16 -6.07
C GLN A 330 -16.65 8.10 -5.27
N ALA A 331 -16.72 8.02 -3.95
CA ALA A 331 -15.90 8.89 -3.10
C ALA A 331 -14.42 8.57 -3.27
N ILE A 332 -14.11 7.29 -3.33
CA ILE A 332 -12.73 6.84 -3.47
C ILE A 332 -12.10 7.24 -4.81
N THR A 333 -12.79 6.95 -5.90
CA THR A 333 -12.25 7.26 -7.22
C THR A 333 -12.18 8.76 -7.50
N ALA A 334 -13.16 9.50 -6.98
CA ALA A 334 -13.14 10.96 -7.17
C ALA A 334 -11.84 11.49 -6.56
N VAL A 335 -11.48 10.94 -5.41
CA VAL A 335 -10.26 11.35 -4.73
C VAL A 335 -9.03 10.90 -5.52
N ASN A 336 -9.10 9.71 -6.14
CA ASN A 336 -7.98 9.23 -6.94
C ASN A 336 -7.71 10.24 -8.06
N ARG A 337 -8.76 10.59 -8.80
CA ARG A 337 -8.65 11.55 -9.89
C ARG A 337 -8.13 12.91 -9.41
N PHE A 338 -8.62 13.35 -8.25
CA PHE A 338 -8.15 14.62 -7.69
C PHE A 338 -6.65 14.53 -7.54
N HIS A 339 -6.20 13.42 -6.95
CA HIS A 339 -4.79 13.16 -6.72
C HIS A 339 -4.01 13.23 -8.03
N ASN A 340 -4.55 12.63 -9.08
CA ASN A 340 -3.89 12.63 -10.37
C ASN A 340 -3.83 14.02 -11.02
N VAL A 341 -4.96 14.71 -11.05
CA VAL A 341 -5.00 16.02 -11.69
C VAL A 341 -4.15 17.08 -10.98
N MET A 342 -4.12 17.05 -9.65
CA MET A 342 -3.35 18.03 -8.88
C MET A 342 -1.85 17.79 -8.83
N ALA A 343 -1.40 16.63 -9.27
CA ALA A 343 0.03 16.32 -9.24
C ALA A 343 0.86 17.53 -9.63
N GLY A 344 1.79 17.91 -8.77
CA GLY A 344 2.64 19.06 -9.05
C GLY A 344 2.22 20.31 -8.28
N GLN A 345 1.02 20.27 -7.74
CA GLN A 345 0.47 21.39 -6.98
C GLN A 345 0.93 21.29 -5.52
N PRO A 346 1.05 22.43 -4.83
CA PRO A 346 1.47 22.39 -3.43
C PRO A 346 0.23 22.02 -2.63
N GLU A 347 0.34 21.96 -1.30
CA GLU A 347 -0.82 21.63 -0.49
C GLU A 347 -0.99 22.56 0.71
N GLU A 348 -2.17 22.55 1.30
CA GLU A 348 -2.45 23.38 2.46
C GLU A 348 -3.56 22.73 3.27
N LEU A 349 -3.19 22.07 4.36
CA LEU A 349 -4.17 21.40 5.20
C LEU A 349 -4.67 22.31 6.30
N SER A 350 -5.97 22.22 6.60
CA SER A 350 -6.56 23.05 7.63
C SER A 350 -7.85 22.45 8.14
N ASN A 351 -8.44 23.13 9.13
CA ASN A 351 -9.70 22.73 9.72
C ASN A 351 -10.60 23.97 9.73
N PRO A 352 -11.41 24.15 8.68
CA PRO A 352 -12.32 25.29 8.57
C PRO A 352 -13.06 25.66 9.86
N GLN A 353 -13.12 26.96 10.13
CA GLN A 353 -13.79 27.50 11.32
C GLN A 353 -13.31 26.86 12.62
N GLY A 354 -12.09 26.35 12.60
CA GLY A 354 -11.52 25.73 13.79
C GLY A 354 -12.13 24.39 14.17
N ASN A 355 -13.03 23.88 13.33
CA ASN A 355 -13.66 22.59 13.61
C ASN A 355 -12.71 21.48 13.20
N ASN A 356 -12.16 20.75 14.17
CA ASN A 356 -11.22 19.68 13.82
C ASN A 356 -11.88 18.47 13.17
N GLN A 357 -13.22 18.44 13.15
CA GLN A 357 -13.93 17.33 12.53
C GLN A 357 -14.00 17.55 11.01
N ILE A 358 -13.52 18.71 10.56
CA ILE A 358 -13.53 19.02 9.14
C ILE A 358 -12.12 19.15 8.57
N PHE A 359 -11.75 18.22 7.71
CA PHE A 359 -10.44 18.29 7.08
C PHE A 359 -10.59 18.98 5.73
N MET A 360 -9.62 19.82 5.38
CA MET A 360 -9.64 20.52 4.11
C MET A 360 -8.21 20.57 3.57
N ASN A 361 -8.04 20.24 2.29
CA ASN A 361 -6.73 20.28 1.68
C ASN A 361 -6.88 21.07 0.39
N GLN A 362 -6.17 22.20 0.31
CA GLN A 362 -6.22 23.02 -0.88
C GLN A 362 -4.90 22.87 -1.62
N ARG A 363 -4.98 22.41 -2.87
CA ARG A 363 -3.80 22.20 -3.69
C ARG A 363 -3.67 23.38 -4.63
N GLY A 364 -2.61 24.16 -4.45
CA GLY A 364 -2.41 25.34 -5.28
C GLY A 364 -3.69 26.12 -5.27
N SER A 365 -4.13 26.58 -6.44
CA SER A 365 -5.39 27.32 -6.53
C SER A 365 -6.25 26.59 -7.55
N HIS A 366 -6.10 25.27 -7.64
CA HIS A 366 -6.85 24.48 -8.59
C HIS A 366 -7.89 23.52 -8.00
N GLY A 367 -7.65 23.01 -6.80
CA GLY A 367 -8.60 22.09 -6.21
C GLY A 367 -8.63 22.04 -4.69
N VAL A 368 -9.76 21.60 -4.16
CA VAL A 368 -9.95 21.48 -2.73
C VAL A 368 -10.65 20.17 -2.38
N VAL A 369 -10.21 19.55 -1.28
CA VAL A 369 -10.83 18.32 -0.80
C VAL A 369 -11.28 18.53 0.64
N LEU A 370 -12.54 18.23 0.91
CA LEU A 370 -13.12 18.37 2.25
C LEU A 370 -13.47 16.98 2.78
N ALA A 371 -13.37 16.82 4.10
CA ALA A 371 -13.70 15.55 4.75
C ALA A 371 -14.40 15.85 6.07
N ASN A 372 -15.64 15.39 6.20
CA ASN A 372 -16.42 15.60 7.41
C ASN A 372 -16.53 14.32 8.22
N ALA A 373 -15.69 14.19 9.24
CA ALA A 373 -15.68 13.02 10.09
C ALA A 373 -16.81 13.02 11.13
N GLY A 374 -17.45 14.17 11.33
CA GLY A 374 -18.53 14.27 12.30
C GLY A 374 -19.83 13.61 11.87
N SER A 375 -20.74 13.44 12.83
CA SER A 375 -22.03 12.83 12.55
C SER A 375 -23.12 13.82 12.18
N SER A 376 -22.74 15.06 11.90
CA SER A 376 -23.70 16.10 11.52
C SER A 376 -23.18 16.91 10.35
N SER A 377 -24.10 17.39 9.51
CA SER A 377 -23.73 18.19 8.36
C SER A 377 -23.23 19.54 8.81
N VAL A 378 -22.34 20.15 8.02
CA VAL A 378 -21.75 21.44 8.36
C VAL A 378 -21.74 22.41 7.18
N SER A 379 -22.29 23.60 7.40
CA SER A 379 -22.35 24.64 6.38
C SER A 379 -21.02 25.38 6.41
N ILE A 380 -20.14 25.05 5.46
CA ILE A 380 -18.83 25.67 5.40
C ILE A 380 -18.79 27.06 4.80
N ASN A 381 -17.86 27.86 5.31
CA ASN A 381 -17.63 29.23 4.86
C ASN A 381 -16.19 29.56 5.25
N THR A 382 -15.28 29.35 4.30
CA THR A 382 -13.87 29.58 4.54
C THR A 382 -13.16 30.15 3.32
N ALA A 383 -11.93 30.61 3.53
CA ALA A 383 -11.14 31.18 2.46
C ALA A 383 -10.74 30.07 1.49
N THR A 384 -10.59 30.44 0.23
CA THR A 384 -10.18 29.52 -0.81
C THR A 384 -9.55 30.30 -1.95
N LYS A 385 -8.74 29.61 -2.75
CA LYS A 385 -8.08 30.24 -3.87
C LYS A 385 -8.76 29.86 -5.18
N LEU A 386 -9.72 28.94 -5.10
CA LEU A 386 -10.43 28.51 -6.30
C LEU A 386 -11.06 29.73 -6.94
N PRO A 387 -11.13 29.75 -8.27
CA PRO A 387 -11.74 30.90 -8.96
C PRO A 387 -13.23 30.90 -8.65
N ASP A 388 -13.85 32.08 -8.60
CA ASP A 388 -15.28 32.17 -8.32
C ASP A 388 -16.06 31.23 -9.23
N GLY A 389 -17.19 30.74 -8.75
CA GLY A 389 -18.00 29.83 -9.54
C GLY A 389 -18.72 28.80 -8.69
N ARG A 390 -19.39 27.86 -9.36
CA ARG A 390 -20.12 26.80 -8.69
C ARG A 390 -19.37 25.49 -8.87
N TYR A 391 -19.30 24.69 -7.81
CA TYR A 391 -18.58 23.42 -7.87
C TYR A 391 -19.43 22.27 -7.36
N ASP A 392 -19.69 21.30 -8.22
CA ASP A 392 -20.47 20.12 -7.84
C ASP A 392 -19.52 19.13 -7.16
N ASN A 393 -19.95 18.54 -6.05
CA ASN A 393 -19.11 17.59 -5.36
C ASN A 393 -18.89 16.36 -6.24
N LYS A 394 -17.65 16.14 -6.66
CA LYS A 394 -17.34 14.99 -7.51
C LYS A 394 -17.35 13.69 -6.73
N ALA A 395 -17.20 13.79 -5.40
CA ALA A 395 -17.18 12.61 -4.55
C ALA A 395 -18.55 12.17 -4.09
N GLY A 396 -19.57 12.99 -4.37
CA GLY A 396 -20.92 12.64 -3.96
C GLY A 396 -21.94 13.74 -4.14
N ALA A 397 -23.13 13.53 -3.58
CA ALA A 397 -24.22 14.50 -3.68
C ALA A 397 -23.87 15.88 -3.13
N GLY A 398 -24.54 16.90 -3.65
CA GLY A 398 -24.31 18.25 -3.17
C GLY A 398 -23.49 19.15 -4.07
N SER A 399 -23.46 20.43 -3.72
CA SER A 399 -22.72 21.41 -4.48
C SER A 399 -22.22 22.54 -3.58
N PHE A 400 -21.24 23.29 -4.07
CA PHE A 400 -20.67 24.40 -3.32
C PHE A 400 -20.56 25.62 -4.22
N GLN A 401 -20.28 26.77 -3.61
CA GLN A 401 -20.14 28.03 -4.32
C GLN A 401 -18.90 28.77 -3.84
N VAL A 402 -18.21 29.45 -4.76
CA VAL A 402 -17.03 30.24 -4.39
C VAL A 402 -17.26 31.67 -4.87
N ASN A 403 -17.35 32.59 -3.92
CA ASN A 403 -17.59 34.00 -4.23
C ASN A 403 -16.61 34.87 -3.47
N ASP A 404 -15.95 35.76 -4.21
CA ASP A 404 -14.99 36.68 -3.61
C ASP A 404 -14.07 35.95 -2.64
N GLY A 405 -13.46 34.87 -3.12
CA GLY A 405 -12.56 34.10 -2.29
C GLY A 405 -13.23 33.35 -1.15
N LYS A 406 -14.55 33.29 -1.16
CA LYS A 406 -15.27 32.60 -0.09
C LYS A 406 -15.89 31.29 -0.56
N LEU A 407 -15.50 30.20 0.09
CA LEU A 407 -16.03 28.88 -0.23
C LEU A 407 -17.20 28.60 0.70
N THR A 408 -18.39 28.48 0.13
CA THR A 408 -19.58 28.22 0.91
C THR A 408 -20.32 27.02 0.35
N GLY A 409 -21.01 26.31 1.24
CA GLY A 409 -21.77 25.13 0.84
C GLY A 409 -21.87 24.21 2.04
N THR A 410 -22.73 23.20 1.97
CA THR A 410 -22.88 22.27 3.08
C THR A 410 -22.22 20.92 2.80
N ILE A 411 -21.46 20.43 3.78
CA ILE A 411 -20.82 19.13 3.63
C ILE A 411 -21.53 18.17 4.57
N ASN A 412 -22.19 17.18 3.99
CA ASN A 412 -22.95 16.20 4.77
C ASN A 412 -22.08 15.47 5.77
N ALA A 413 -22.73 14.95 6.81
CA ALA A 413 -22.05 14.22 7.86
C ALA A 413 -21.36 12.98 7.30
N ARG A 414 -20.22 12.63 7.90
CA ARG A 414 -19.46 11.45 7.47
C ARG A 414 -19.30 11.39 5.96
N SER A 415 -19.07 12.54 5.33
CA SER A 415 -18.92 12.60 3.88
C SER A 415 -17.64 13.26 3.36
N VAL A 416 -17.34 12.99 2.10
CA VAL A 416 -16.16 13.55 1.44
C VAL A 416 -16.59 14.50 0.32
N ALA A 417 -15.77 15.50 0.03
CA ALA A 417 -16.07 16.45 -1.03
C ALA A 417 -14.80 16.70 -1.84
N VAL A 418 -14.96 16.79 -3.16
CA VAL A 418 -13.84 17.03 -4.07
C VAL A 418 -14.25 18.09 -5.08
N LEU A 419 -13.59 19.23 -5.04
CA LEU A 419 -13.90 20.32 -5.96
C LEU A 419 -12.69 20.83 -6.75
N TYR A 420 -12.95 21.16 -8.01
CA TYR A 420 -11.96 21.73 -8.90
C TYR A 420 -12.57 21.95 -10.28
N PRO A 421 -12.15 23.01 -10.99
CA PRO A 421 -12.66 23.34 -12.31
C PRO A 421 -12.56 22.18 -13.29
N ASP A 422 -13.48 22.15 -14.25
CA ASP A 422 -13.51 21.09 -15.25
C ASP A 422 -12.56 21.43 -16.41
#